data_8BQU
#
_entry.id   8BQU
#
_cell.length_a   59.059
_cell.length_b   59.059
_cell.length_c   473.919
_cell.angle_alpha   90.000
_cell.angle_beta   90.000
_cell.angle_gamma   120.000
#
_symmetry.space_group_name_H-M   'P 32 2 1'
#
loop_
_entity.id
_entity.type
_entity.pdbx_description
1 polymer 'Zona pellucida sperm-binding protein 3'
2 polymer 'Choriogenin H'
3 polymer 'Choriogenin H'
4 branched beta-D-galactopyranose-(1-4)-2-acetamido-2-deoxy-beta-D-glucopyranose-(1-2)-alpha-D-mannopyranose-(1-3)-[alpha-D-mannopyranose-(1-6)]beta-D-mannopyranose-(1-4)-2-acetamido-2-deoxy-beta-D-glucopyranose-(1-4)-2-acetamido-2-deoxy-beta-D-glucopyranose
#
loop_
_entity_poly.entity_id
_entity_poly.type
_entity_poly.pdbx_seq_one_letter_code
_entity_poly.pdbx_strand_id
1 'polypeptide(L)'
;YPVPAATVAVECREDLAHVEAKKDLFGIGQFIDPADLTLGTCPPSAEDPAAQVLIFESPLQNCGSVLTMTEDSLVYTFTL
NYNPKPLGSAPVVRTSQAVVIVECHYPRKHNVSSLALDPLWVPFSAAKMAEEFLYFTLKLTTDDFQFERPSYQYFLGDLI
HIEATVKQYFHVPLRVYVDRCVATLSPDANSSPSYAFIDNYGCLLDGRITGSDSKFVSRPAENKLDFQLEAFRFQGADSG
MIYITCHLKATSAAYPLDAEHRACSYIQGWKEVSGADPICASCESGGFEVHANAVVSHGTSTLSGGGHGTGKPSDPSRKT
;
A
2 'polypeptide(L)'
;SPLSIAELGPLNVYLQIANGQCQTKGCDEAAAAYTSFYTDADYPVTKVLRDPVYVDVQILGRTDPNLVLTLGRCWATTSP
NAFSLPQWDILIDGCPYADDRYLSALVPIDHSSGLPFPTHHSRFLFKMFTFVDPHSMEPLREKVYIHCSTAACVPGQGVS
CEPSCSRRKG
;
B
3 'polypeptide(L)'
;TPPIGPPPPKSCEVPRDVRVPCGVPDISPSACDAIDCCHDGQSCYFGTGATVQCTKDGHFIVVVAKDVTLPHIDLETISL
LGQGQDCGPADSNSAFAIYYFPVTYCGTVVMEEPGVIVYENRMTSSYEVGVGPLGAITRDSSFELLFQCRYRATSVETLV
VEVQPPD
;
C
#
# COMPACT_ATOMS: atom_id res chain seq x y z
N PRO A 4 26.62 69.94 -6.59
CA PRO A 4 27.11 68.63 -6.17
C PRO A 4 27.35 67.68 -7.35
N ALA A 5 28.58 67.23 -7.54
CA ALA A 5 28.90 66.28 -8.61
C ALA A 5 29.36 64.94 -8.05
N ALA A 6 30.43 64.93 -7.26
CA ALA A 6 30.88 63.74 -6.55
C ALA A 6 30.70 63.88 -5.04
N THR A 7 29.81 64.79 -4.63
CA THR A 7 29.64 65.11 -3.22
C THR A 7 28.86 64.02 -2.49
N VAL A 8 27.70 63.65 -3.02
CA VAL A 8 26.80 62.73 -2.34
C VAL A 8 27.04 61.32 -2.88
N ALA A 9 27.55 60.45 -2.01
CA ALA A 9 27.69 59.03 -2.30
C ALA A 9 26.83 58.23 -1.33
N VAL A 10 26.54 56.98 -1.68
CA VAL A 10 25.62 56.17 -0.89
C VAL A 10 26.05 54.72 -0.94
N GLU A 11 25.89 54.04 0.19
CA GLU A 11 25.97 52.59 0.28
C GLU A 11 24.61 52.08 0.74
N CYS A 12 24.08 51.08 0.02
CA CYS A 12 22.74 50.56 0.28
C CYS A 12 22.87 49.15 0.87
N ARG A 13 22.46 49.00 2.12
CA ARG A 13 22.54 47.74 2.84
C ARG A 13 21.14 47.15 3.01
N GLU A 14 21.06 45.98 3.63
CA GLU A 14 19.78 45.30 3.75
C GLU A 14 18.78 46.13 4.54
N ASP A 15 19.18 46.56 5.74
CA ASP A 15 18.27 47.30 6.62
C ASP A 15 18.48 48.81 6.56
N LEU A 16 19.60 49.27 6.03
CA LEU A 16 20.07 50.63 6.29
C LEU A 16 20.68 51.25 5.04
N ALA A 17 20.54 52.58 4.94
CA ALA A 17 21.20 53.38 3.92
C ALA A 17 22.25 54.26 4.58
N HIS A 18 23.42 54.34 3.97
CA HIS A 18 24.59 55.03 4.52
C HIS A 18 25.01 56.08 3.50
N VAL A 19 24.73 57.34 3.80
CA VAL A 19 24.94 58.46 2.87
C VAL A 19 26.14 59.27 3.34
N GLU A 20 27.04 59.55 2.40
CA GLU A 20 28.24 60.36 2.66
C GLU A 20 28.22 61.59 1.77
N ALA A 21 28.32 62.76 2.38
CA ALA A 21 28.36 64.04 1.67
C ALA A 21 29.68 64.75 1.95
N LYS A 22 30.29 65.29 0.91
CA LYS A 22 31.50 66.07 1.08
C LYS A 22 31.18 67.40 1.76
N LYS A 23 31.99 67.77 2.76
CA LYS A 23 31.74 69.00 3.49
C LYS A 23 31.75 70.21 2.57
N ASP A 24 32.63 70.21 1.57
CA ASP A 24 32.60 71.22 0.53
C ASP A 24 31.59 70.78 -0.53
N LEU A 25 30.31 70.84 -0.12
CA LEU A 25 29.23 70.26 -0.90
C LEU A 25 29.23 70.78 -2.33
N PHE A 26 29.45 72.08 -2.50
CA PHE A 26 29.36 72.70 -3.81
C PHE A 26 30.69 72.77 -4.54
N GLY A 27 31.76 72.22 -3.97
CA GLY A 27 33.08 72.38 -4.58
C GLY A 27 33.50 73.83 -4.67
N ILE A 28 33.16 74.62 -3.65
CA ILE A 28 33.43 76.06 -3.64
C ILE A 28 34.60 76.41 -2.74
N GLY A 29 35.26 75.41 -2.17
CA GLY A 29 36.35 75.64 -1.23
C GLY A 29 35.93 75.89 0.19
N GLN A 30 34.71 76.39 0.40
CA GLN A 30 34.20 76.71 1.73
C GLN A 30 33.22 75.63 2.17
N PHE A 31 33.44 75.07 3.35
CA PHE A 31 32.60 74.00 3.87
C PHE A 31 31.25 74.56 4.31
N ILE A 32 30.26 73.68 4.38
CA ILE A 32 28.91 74.05 4.74
C ILE A 32 28.70 73.80 6.24
N ASP A 33 27.62 74.35 6.77
CA ASP A 33 27.23 74.06 8.15
C ASP A 33 26.60 72.67 8.19
N PRO A 34 27.14 71.72 8.97
CA PRO A 34 26.51 70.40 9.03
C PRO A 34 25.10 70.43 9.60
N ALA A 35 24.71 71.53 10.25
CA ALA A 35 23.34 71.70 10.71
C ALA A 35 22.40 72.12 9.58
N ASP A 36 22.93 72.64 8.48
CA ASP A 36 22.10 73.05 7.36
C ASP A 36 21.77 71.92 6.40
N LEU A 37 22.49 70.80 6.48
CA LEU A 37 22.28 69.67 5.59
C LEU A 37 21.48 68.59 6.33
N THR A 38 20.32 68.25 5.79
CA THR A 38 19.41 67.31 6.45
C THR A 38 18.86 66.31 5.45
N LEU A 39 18.99 65.02 5.75
CA LEU A 39 18.42 63.97 4.92
C LEU A 39 16.94 63.83 5.30
N GLY A 40 16.10 64.56 4.59
CA GLY A 40 14.70 64.63 4.96
C GLY A 40 14.54 65.66 6.06
N THR A 41 14.45 65.18 7.30
CA THR A 41 14.53 66.02 8.48
C THR A 41 15.63 65.56 9.43
N CYS A 42 16.38 64.52 9.05
CA CYS A 42 17.42 63.91 9.87
C CYS A 42 18.73 64.66 9.74
N PRO A 43 19.44 64.92 10.83
CA PRO A 43 20.76 65.53 10.74
C PRO A 43 21.81 64.49 10.39
N PRO A 44 23.02 64.92 10.02
CA PRO A 44 24.10 63.96 9.81
C PRO A 44 24.45 63.23 11.09
N SER A 45 24.92 61.98 10.94
CA SER A 45 25.21 61.13 12.09
C SER A 45 26.62 61.33 12.62
N ALA A 46 27.59 61.57 11.75
CA ALA A 46 28.98 61.68 12.17
C ALA A 46 29.74 62.57 11.20
N GLU A 47 31.03 62.73 11.49
CA GLU A 47 31.93 63.55 10.70
C GLU A 47 33.20 62.77 10.41
N ASP A 48 33.83 63.05 9.27
CA ASP A 48 35.12 62.46 8.91
C ASP A 48 36.12 63.60 8.74
N PRO A 49 36.74 64.06 9.83
CA PRO A 49 37.67 65.21 9.73
C PRO A 49 38.85 64.96 8.80
N ALA A 50 39.07 63.72 8.36
CA ALA A 50 40.13 63.41 7.40
C ALA A 50 39.64 63.33 5.97
N ALA A 51 38.41 62.84 5.76
CA ALA A 51 37.81 62.77 4.42
C ALA A 51 36.83 63.91 4.15
N GLN A 52 36.63 64.79 5.13
CA GLN A 52 35.64 65.87 5.01
C GLN A 52 34.31 65.33 4.48
N VAL A 53 33.75 64.39 5.23
CA VAL A 53 32.53 63.69 4.84
C VAL A 53 31.54 63.78 5.99
N LEU A 54 30.35 64.30 5.71
CA LEU A 54 29.22 64.20 6.63
C LEU A 54 28.48 62.91 6.34
N ILE A 55 28.29 62.09 7.37
CA ILE A 55 27.81 60.72 7.20
C ILE A 55 26.43 60.60 7.82
N PHE A 56 25.44 60.26 6.99
CA PHE A 56 24.11 59.89 7.45
C PHE A 56 23.97 58.38 7.46
N GLU A 57 23.18 57.88 8.42
CA GLU A 57 22.78 56.48 8.44
C GLU A 57 21.33 56.42 8.89
N SER A 58 20.47 55.85 8.03
CA SER A 58 19.06 55.76 8.30
C SER A 58 18.55 54.40 7.86
N PRO A 59 17.86 53.66 8.72
CA PRO A 59 17.10 52.50 8.22
C PRO A 59 16.14 52.94 7.13
N LEU A 60 15.97 52.08 6.12
CA LEU A 60 15.41 52.53 4.85
C LEU A 60 14.02 53.13 4.98
N GLN A 61 13.28 52.79 6.03
CA GLN A 61 11.93 53.31 6.21
C GLN A 61 11.88 54.64 6.94
N ASN A 62 13.02 55.18 7.37
CA ASN A 62 13.08 56.41 8.15
C ASN A 62 13.70 57.53 7.33
N CYS A 63 13.72 58.73 7.93
CA CYS A 63 14.31 59.92 7.33
C CYS A 63 13.70 60.24 5.97
N GLY A 64 12.39 60.46 5.98
CA GLY A 64 11.67 60.94 4.82
C GLY A 64 11.91 60.12 3.57
N SER A 65 11.77 58.81 3.68
CA SER A 65 12.03 57.89 2.57
C SER A 65 10.72 57.50 1.90
N VAL A 66 10.75 57.46 0.56
CA VAL A 66 9.61 57.03 -0.24
C VAL A 66 9.95 55.70 -0.90
N LEU A 67 9.07 54.71 -0.72
CA LEU A 67 9.28 53.35 -1.21
C LEU A 67 8.40 53.10 -2.42
N THR A 68 9.01 52.63 -3.50
CA THR A 68 8.33 52.45 -4.77
C THR A 68 8.56 51.03 -5.28
N MET A 69 7.65 50.55 -6.12
CA MET A 69 7.78 49.25 -6.75
C MET A 69 8.02 49.41 -8.24
N THR A 70 8.94 48.60 -8.76
CA THR A 70 9.14 48.44 -10.20
C THR A 70 9.17 46.95 -10.50
N GLU A 71 9.33 46.62 -11.78
CA GLU A 71 9.39 45.21 -12.17
C GLU A 71 10.58 44.53 -11.50
N ASP A 72 11.76 45.13 -11.60
CA ASP A 72 12.98 44.48 -11.14
C ASP A 72 13.21 44.68 -9.65
N SER A 73 12.87 45.86 -9.11
CA SER A 73 13.45 46.31 -7.85
C SER A 73 12.42 47.00 -6.97
N LEU A 74 12.79 47.12 -5.68
CA LEU A 74 12.19 48.07 -4.76
C LEU A 74 13.11 49.28 -4.67
N VAL A 75 12.52 50.47 -4.65
CA VAL A 75 13.28 51.72 -4.68
C VAL A 75 12.98 52.51 -3.42
N TYR A 76 14.00 52.80 -2.62
CA TYR A 76 13.92 53.72 -1.50
C TYR A 76 14.53 55.04 -1.93
N THR A 77 13.71 56.09 -2.05
CA THR A 77 14.16 57.39 -2.52
C THR A 77 14.16 58.37 -1.36
N PHE A 78 15.33 58.90 -1.04
CA PHE A 78 15.53 59.88 0.01
C PHE A 78 15.76 61.24 -0.62
N THR A 79 15.74 62.27 0.22
CA THR A 79 16.01 63.63 -0.22
C THR A 79 16.99 64.27 0.76
N LEU A 80 18.22 64.47 0.31
CA LEU A 80 19.23 65.20 1.07
C LEU A 80 19.06 66.67 0.76
N ASN A 81 18.51 67.44 1.70
CA ASN A 81 18.18 68.84 1.50
C ASN A 81 19.18 69.72 2.22
N TYR A 82 19.74 70.70 1.50
CA TYR A 82 20.63 71.70 2.06
C TYR A 82 19.89 73.04 2.09
N ASN A 83 19.48 73.47 3.28
CA ASN A 83 18.78 74.74 3.45
C ASN A 83 19.66 75.66 4.27
N PRO A 84 20.45 76.54 3.63
CA PRO A 84 21.34 77.41 4.39
C PRO A 84 20.58 78.40 5.27
N LYS A 85 21.15 78.67 6.42
CA LYS A 85 20.60 79.58 7.42
C LYS A 85 21.54 80.75 7.60
N PRO A 86 21.07 81.85 8.21
CA PRO A 86 21.91 83.04 8.33
C PRO A 86 23.22 82.75 9.04
N LEU A 87 24.28 83.42 8.59
CA LEU A 87 25.64 83.18 9.11
C LEU A 87 25.88 84.03 10.37
N GLY A 88 25.14 83.68 11.42
CA GLY A 88 25.28 84.35 12.69
C GLY A 88 24.23 85.43 12.89
N SER A 89 24.55 86.45 13.71
CA SER A 89 23.61 87.54 13.92
C SER A 89 23.27 88.25 12.61
N ALA A 90 24.11 88.12 11.60
CA ALA A 90 23.83 88.71 10.29
C ALA A 90 22.70 87.95 9.60
N PRO A 91 21.67 88.65 9.04
CA PRO A 91 20.58 87.98 8.32
C PRO A 91 20.94 87.64 6.88
N VAL A 92 22.12 87.06 6.70
CA VAL A 92 22.75 86.95 5.39
C VAL A 92 23.16 85.50 5.15
N VAL A 93 23.03 85.06 3.91
CA VAL A 93 23.43 83.72 3.50
C VAL A 93 24.31 83.83 2.26
N ARG A 94 25.40 83.06 2.24
CA ARG A 94 26.37 83.09 1.14
C ARG A 94 26.36 81.82 0.29
N THR A 95 25.39 80.94 0.48
CA THR A 95 25.24 79.74 -0.33
C THR A 95 23.83 79.70 -0.90
N SER A 96 23.63 78.83 -1.89
CA SER A 96 22.33 78.63 -2.52
C SER A 96 21.72 77.33 -2.03
N GLN A 97 20.38 77.35 -1.90
CA GLN A 97 19.65 76.17 -1.48
C GLN A 97 19.77 75.07 -2.54
N ALA A 98 19.68 73.82 -2.08
CA ALA A 98 19.81 72.69 -2.99
C ALA A 98 19.15 71.46 -2.39
N VAL A 99 18.90 70.47 -3.25
CA VAL A 99 18.40 69.16 -2.83
C VAL A 99 19.03 68.10 -3.73
N VAL A 100 19.36 66.95 -3.14
CA VAL A 100 19.93 65.83 -3.87
C VAL A 100 19.06 64.60 -3.64
N ILE A 101 18.79 63.85 -4.71
CA ILE A 101 17.93 62.67 -4.66
C ILE A 101 18.82 61.45 -4.52
N VAL A 102 18.57 60.65 -3.49
CA VAL A 102 19.32 59.44 -3.21
C VAL A 102 18.38 58.25 -3.36
N GLU A 103 18.74 57.30 -4.22
CA GLU A 103 17.95 56.12 -4.48
C GLU A 103 18.73 54.86 -4.12
N CYS A 104 18.06 53.92 -3.48
CA CYS A 104 18.61 52.59 -3.22
C CYS A 104 17.71 51.55 -3.87
N HIS A 105 18.24 50.83 -4.85
CA HIS A 105 17.51 49.77 -5.52
C HIS A 105 17.77 48.44 -4.83
N TYR A 106 16.75 47.59 -4.80
CA TYR A 106 16.87 46.27 -4.20
C TYR A 106 16.17 45.24 -5.07
N PRO A 107 16.84 44.15 -5.44
CA PRO A 107 16.19 43.12 -6.26
C PRO A 107 14.91 42.62 -5.59
N ARG A 108 13.81 42.69 -6.33
CA ARG A 108 12.48 42.42 -5.78
C ARG A 108 12.11 40.95 -5.82
N LYS A 109 12.42 40.26 -6.92
CA LYS A 109 11.95 38.90 -7.16
C LYS A 109 13.08 37.90 -6.97
N HIS A 110 12.75 36.75 -6.39
CA HIS A 110 13.72 35.70 -6.13
C HIS A 110 13.03 34.34 -6.19
N ASN A 111 13.84 33.31 -6.40
CA ASN A 111 13.40 31.93 -6.32
C ASN A 111 14.25 31.21 -5.29
N VAL A 112 13.63 30.33 -4.52
CA VAL A 112 14.29 29.65 -3.42
C VAL A 112 14.05 28.15 -3.54
N SER A 113 14.95 27.39 -2.91
CA SER A 113 14.91 25.94 -2.97
C SER A 113 15.18 25.39 -1.58
N SER A 114 14.65 24.19 -1.32
CA SER A 114 14.90 23.47 -0.09
C SER A 114 16.00 22.44 -0.32
N LEU A 115 16.50 21.88 0.77
CA LEU A 115 17.44 20.76 0.67
C LEU A 115 16.67 19.46 0.51
N ALA A 116 17.40 18.37 0.34
CA ALA A 116 16.79 17.12 -0.12
C ALA A 116 15.84 16.54 0.93
N LEU A 117 14.62 16.22 0.50
CA LEU A 117 13.70 15.41 1.28
C LEU A 117 13.74 13.98 0.75
N ASP A 118 13.64 13.02 1.65
CA ASP A 118 13.65 11.60 1.28
C ASP A 118 12.33 10.95 1.66
N PRO A 119 11.48 10.57 0.69
CA PRO A 119 10.22 9.93 1.05
C PRO A 119 10.44 8.56 1.66
N LEU A 120 9.50 8.15 2.50
CA LEU A 120 9.57 6.87 3.20
C LEU A 120 8.23 6.18 3.15
N TRP A 121 8.26 4.87 2.94
CA TRP A 121 7.09 4.03 3.04
C TRP A 121 7.56 2.61 3.30
N VAL A 122 6.68 1.80 3.88
CA VAL A 122 6.96 0.40 4.16
C VAL A 122 6.10 -0.44 3.20
N PRO A 123 6.70 -1.07 2.20
CA PRO A 123 5.94 -1.97 1.33
C PRO A 123 5.75 -3.33 2.01
N PHE A 124 4.85 -4.13 1.42
CA PHE A 124 4.49 -5.43 1.98
C PHE A 124 4.59 -6.50 0.91
N SER A 125 5.25 -7.61 1.24
CA SER A 125 5.40 -8.74 0.33
C SER A 125 5.60 -10.00 1.16
N ALA A 126 4.68 -10.96 1.02
CA ALA A 126 4.76 -12.18 1.81
C ALA A 126 4.00 -13.29 1.09
N ALA A 127 4.27 -14.52 1.50
CA ALA A 127 3.59 -15.70 0.97
C ALA A 127 2.99 -16.49 2.12
N LYS A 128 1.81 -17.06 1.87
CA LYS A 128 1.07 -17.82 2.87
C LYS A 128 0.55 -19.10 2.27
N MET A 129 0.51 -20.15 3.08
CA MET A 129 -0.09 -21.43 2.72
C MET A 129 -1.09 -21.82 3.79
N ALA A 130 -2.13 -22.55 3.38
CA ALA A 130 -3.14 -23.03 4.31
C ALA A 130 -3.65 -24.38 3.80
N GLU A 131 -4.20 -25.18 4.72
CA GLU A 131 -4.54 -26.56 4.42
C GLU A 131 -5.90 -26.93 4.99
N GLU A 132 -6.48 -27.98 4.42
CA GLU A 132 -7.74 -28.57 4.82
C GLU A 132 -7.84 -29.88 4.04
N PHE A 133 -8.89 -30.66 4.30
CA PHE A 133 -9.06 -31.96 3.67
C PHE A 133 -10.29 -31.99 2.75
N LEU A 134 -10.17 -32.73 1.66
CA LEU A 134 -11.34 -33.18 0.92
C LEU A 134 -12.02 -34.30 1.71
N TYR A 135 -13.35 -34.32 1.69
CA TYR A 135 -14.12 -35.21 2.54
C TYR A 135 -14.91 -36.19 1.67
N PHE A 136 -14.82 -37.47 2.03
CA PHE A 136 -15.37 -38.58 1.25
C PHE A 136 -16.51 -39.25 2.00
N THR A 137 -17.26 -40.09 1.28
CA THR A 137 -18.30 -40.91 1.86
C THR A 137 -18.26 -42.27 1.19
N LEU A 138 -18.26 -43.34 1.98
CA LEU A 138 -18.34 -44.71 1.49
C LEU A 138 -19.52 -45.38 2.18
N LYS A 139 -20.55 -45.73 1.40
CA LYS A 139 -21.82 -46.13 1.98
C LYS A 139 -22.49 -47.21 1.13
N LEU A 140 -23.00 -48.25 1.79
CA LEU A 140 -23.84 -49.23 1.12
C LEU A 140 -25.13 -48.56 0.65
N THR A 141 -25.55 -48.89 -0.57
CA THR A 141 -26.67 -48.21 -1.21
C THR A 141 -27.64 -49.25 -1.77
N THR A 142 -28.67 -48.76 -2.46
CA THR A 142 -29.74 -49.60 -2.97
C THR A 142 -29.43 -50.09 -4.38
N ASP A 143 -30.37 -50.84 -4.95
CA ASP A 143 -30.16 -51.44 -6.26
C ASP A 143 -29.94 -50.41 -7.34
N ASP A 144 -30.49 -49.20 -7.16
CA ASP A 144 -30.28 -48.09 -8.09
C ASP A 144 -29.25 -47.10 -7.58
N PHE A 145 -28.42 -47.50 -6.61
CA PHE A 145 -27.41 -46.64 -6.01
C PHE A 145 -27.98 -45.25 -5.76
N GLN A 146 -29.18 -45.21 -5.20
CA GLN A 146 -29.91 -43.96 -4.99
C GLN A 146 -30.07 -43.60 -3.53
N PHE A 147 -30.25 -44.58 -2.64
CA PHE A 147 -30.46 -44.35 -1.22
C PHE A 147 -29.58 -45.30 -0.41
N GLU A 148 -29.14 -44.82 0.75
CA GLU A 148 -28.32 -45.66 1.63
C GLU A 148 -29.16 -46.82 2.16
N ARG A 149 -28.59 -48.01 2.12
CA ARG A 149 -29.33 -49.21 2.49
C ARG A 149 -29.57 -49.25 3.99
N PRO A 150 -30.82 -49.44 4.45
CA PRO A 150 -31.07 -49.39 5.90
C PRO A 150 -30.39 -50.50 6.69
N SER A 151 -30.02 -51.61 6.07
CA SER A 151 -29.43 -52.74 6.78
C SER A 151 -28.22 -53.25 6.03
N TYR A 152 -27.31 -53.89 6.78
CA TYR A 152 -26.03 -54.35 6.26
C TYR A 152 -25.98 -55.86 6.07
N GLN A 153 -27.13 -56.52 6.02
CA GLN A 153 -27.20 -57.97 5.96
C GLN A 153 -27.61 -58.42 4.57
N TYR A 154 -26.91 -59.44 4.05
CA TYR A 154 -27.12 -59.94 2.71
C TYR A 154 -27.12 -61.46 2.73
N PHE A 155 -27.71 -62.05 1.69
CA PHE A 155 -27.62 -63.48 1.46
C PHE A 155 -26.55 -63.77 0.42
N LEU A 156 -26.05 -65.01 0.44
CA LEU A 156 -25.14 -65.44 -0.62
C LEU A 156 -25.84 -65.36 -1.96
N GLY A 157 -25.15 -64.81 -2.95
CA GLY A 157 -25.71 -64.63 -4.27
C GLY A 157 -26.42 -63.31 -4.48
N ASP A 158 -26.55 -62.49 -3.44
CA ASP A 158 -27.02 -61.12 -3.59
C ASP A 158 -25.88 -60.25 -4.13
N LEU A 159 -26.23 -59.03 -4.50
CA LEU A 159 -25.25 -58.03 -4.91
C LEU A 159 -25.17 -56.94 -3.86
N ILE A 160 -23.96 -56.66 -3.39
CA ILE A 160 -23.72 -55.62 -2.40
C ILE A 160 -23.40 -54.35 -3.17
N HIS A 161 -24.36 -53.43 -3.22
CA HIS A 161 -24.18 -52.18 -3.94
C HIS A 161 -23.53 -51.13 -3.04
N ILE A 162 -22.45 -50.54 -3.54
CA ILE A 162 -21.65 -49.58 -2.77
C ILE A 162 -21.28 -48.41 -3.66
N GLU A 163 -21.32 -47.20 -3.08
CA GLU A 163 -20.98 -45.97 -3.80
C GLU A 163 -19.92 -45.22 -3.01
N ALA A 164 -18.87 -44.81 -3.70
CA ALA A 164 -17.81 -43.97 -3.13
C ALA A 164 -17.95 -42.56 -3.71
N THR A 165 -18.02 -41.56 -2.83
CA THR A 165 -18.26 -40.18 -3.26
C THR A 165 -17.30 -39.23 -2.55
N VAL A 166 -16.81 -38.26 -3.30
CA VAL A 166 -16.04 -37.14 -2.74
C VAL A 166 -16.95 -35.92 -2.77
N LYS A 167 -17.20 -35.33 -1.60
CA LYS A 167 -18.15 -34.22 -1.54
C LYS A 167 -17.54 -32.96 -2.13
N GLN A 168 -18.24 -32.41 -3.12
CA GLN A 168 -17.68 -31.38 -4.00
C GLN A 168 -17.79 -29.99 -3.41
N TYR A 169 -18.87 -29.69 -2.69
CA TYR A 169 -19.09 -28.35 -2.14
C TYR A 169 -18.82 -27.30 -3.21
N PHE A 170 -17.89 -26.37 -2.94
CA PHE A 170 -17.56 -25.31 -3.86
C PHE A 170 -16.25 -25.57 -4.61
N HIS A 171 -15.77 -26.81 -4.58
CA HIS A 171 -14.52 -27.13 -5.25
C HIS A 171 -14.70 -27.15 -6.77
N VAL A 172 -13.57 -27.15 -7.47
CA VAL A 172 -13.53 -27.38 -8.91
C VAL A 172 -14.09 -28.79 -9.15
N PRO A 173 -14.77 -29.05 -10.28
CA PRO A 173 -15.32 -30.39 -10.50
C PRO A 173 -14.35 -31.51 -10.16
N LEU A 174 -14.70 -32.32 -9.17
CA LEU A 174 -13.84 -33.38 -8.67
C LEU A 174 -14.23 -34.72 -9.30
N ARG A 175 -13.26 -35.63 -9.35
CA ARG A 175 -13.50 -37.03 -9.66
C ARG A 175 -12.99 -37.88 -8.50
N VAL A 176 -13.74 -38.92 -8.16
CA VAL A 176 -13.38 -39.81 -7.05
C VAL A 176 -12.81 -41.09 -7.62
N TYR A 177 -11.87 -41.68 -6.89
CA TYR A 177 -11.24 -42.93 -7.27
C TYR A 177 -11.20 -43.85 -6.06
N VAL A 178 -11.43 -45.14 -6.30
CA VAL A 178 -11.22 -46.17 -5.30
C VAL A 178 -10.13 -47.08 -5.85
N ASP A 179 -8.95 -47.04 -5.22
CA ASP A 179 -7.79 -47.75 -5.71
C ASP A 179 -7.49 -49.04 -4.94
N ARG A 180 -8.13 -49.25 -3.79
CA ARG A 180 -7.99 -50.52 -3.08
C ARG A 180 -9.15 -50.70 -2.12
N CYS A 181 -9.53 -51.96 -1.91
CA CYS A 181 -10.47 -52.35 -0.87
C CYS A 181 -10.06 -53.71 -0.34
N VAL A 182 -9.93 -53.83 0.98
CA VAL A 182 -9.54 -55.08 1.63
C VAL A 182 -10.68 -55.53 2.52
N ALA A 183 -11.11 -56.77 2.34
CA ALA A 183 -12.17 -57.37 3.15
C ALA A 183 -11.52 -58.28 4.19
N THR A 184 -11.96 -58.15 5.44
CA THR A 184 -11.39 -58.88 6.56
C THR A 184 -12.50 -59.29 7.53
N LEU A 185 -12.20 -60.30 8.35
CA LEU A 185 -13.14 -60.70 9.39
C LEU A 185 -13.00 -59.83 10.63
N SER A 186 -11.81 -59.47 10.97
CA SER A 186 -11.54 -58.54 12.05
C SER A 186 -11.44 -57.12 11.49
N PRO A 187 -11.79 -56.10 12.29
CA PRO A 187 -11.70 -54.72 11.77
C PRO A 187 -10.30 -54.33 11.29
N ASP A 188 -9.27 -55.06 11.67
CA ASP A 188 -7.92 -54.77 11.22
C ASP A 188 -7.76 -55.11 9.75
N ALA A 189 -7.42 -54.12 8.93
CA ALA A 189 -7.29 -54.35 7.48
C ALA A 189 -6.10 -55.21 7.13
N ASN A 190 -5.17 -55.43 8.05
CA ASN A 190 -4.04 -56.31 7.83
C ASN A 190 -4.28 -57.72 8.36
N SER A 191 -5.41 -57.95 9.02
CA SER A 191 -5.66 -59.25 9.63
C SER A 191 -5.83 -60.31 8.55
N SER A 192 -5.55 -61.56 8.95
CA SER A 192 -5.79 -62.72 8.10
C SER A 192 -7.00 -63.47 8.62
N PRO A 193 -7.87 -64.00 7.73
CA PRO A 193 -7.84 -63.92 6.26
C PRO A 193 -8.18 -62.53 5.74
N SER A 194 -7.79 -62.21 4.51
CA SER A 194 -8.14 -60.94 3.89
C SER A 194 -8.19 -61.12 2.38
N TYR A 195 -9.02 -60.30 1.73
CA TYR A 195 -9.29 -60.43 0.30
C TYR A 195 -9.42 -59.05 -0.30
N ALA A 196 -8.54 -58.72 -1.24
CA ALA A 196 -8.52 -57.40 -1.87
C ALA A 196 -9.34 -57.45 -3.16
N PHE A 197 -10.66 -57.34 -3.00
CA PHE A 197 -11.52 -57.45 -4.17
C PHE A 197 -11.34 -56.28 -5.13
N ILE A 198 -10.79 -55.16 -4.65
CA ILE A 198 -10.36 -54.05 -5.48
C ILE A 198 -8.90 -53.77 -5.13
N ASP A 199 -8.04 -53.66 -6.16
CA ASP A 199 -6.62 -53.43 -5.92
C ASP A 199 -5.95 -52.99 -7.21
N ASN A 200 -4.65 -52.65 -7.10
CA ASN A 200 -3.81 -52.22 -8.21
C ASN A 200 -4.39 -50.97 -8.88
N TYR A 201 -4.75 -50.00 -8.04
CA TYR A 201 -5.26 -48.71 -8.52
C TYR A 201 -6.52 -48.89 -9.36
N GLY A 202 -7.58 -49.39 -8.71
CA GLY A 202 -8.90 -49.41 -9.30
C GLY A 202 -9.32 -50.71 -9.96
N CYS A 203 -8.46 -51.71 -10.01
CA CYS A 203 -8.81 -52.98 -10.66
C CYS A 203 -9.76 -53.75 -9.74
N LEU A 204 -11.01 -53.92 -10.18
CA LEU A 204 -11.98 -54.73 -9.45
C LEU A 204 -11.72 -56.19 -9.81
N LEU A 205 -10.73 -56.76 -9.12
CA LEU A 205 -10.23 -58.09 -9.46
C LEU A 205 -11.21 -59.20 -9.13
N ASP A 206 -12.30 -58.90 -8.41
CA ASP A 206 -13.24 -59.95 -8.03
C ASP A 206 -13.80 -60.66 -9.26
N GLY A 207 -14.35 -59.88 -10.19
CA GLY A 207 -14.92 -60.47 -11.39
C GLY A 207 -13.92 -61.23 -12.23
N ARG A 208 -12.64 -60.94 -12.06
CA ARG A 208 -11.56 -61.57 -12.79
C ARG A 208 -11.09 -62.86 -12.12
N ILE A 209 -10.99 -62.86 -10.80
CA ILE A 209 -10.48 -64.03 -10.09
C ILE A 209 -11.60 -65.01 -9.73
N THR A 210 -12.81 -64.51 -9.50
CA THR A 210 -13.93 -65.32 -9.07
C THR A 210 -14.91 -65.64 -10.19
N GLY A 211 -14.74 -65.03 -11.36
CA GLY A 211 -15.69 -65.21 -12.45
C GLY A 211 -17.05 -64.62 -12.16
N SER A 212 -17.09 -63.45 -11.54
CA SER A 212 -18.33 -62.86 -11.08
C SER A 212 -18.75 -61.72 -12.00
N ASP A 213 -19.95 -61.20 -11.74
CA ASP A 213 -20.45 -59.99 -12.38
C ASP A 213 -20.07 -58.73 -11.62
N SER A 214 -19.28 -58.84 -10.55
CA SER A 214 -18.79 -57.67 -9.83
C SER A 214 -18.10 -56.73 -10.81
N LYS A 215 -18.56 -55.48 -10.85
CA LYS A 215 -18.07 -54.53 -11.83
C LYS A 215 -18.33 -53.11 -11.34
N PHE A 216 -17.69 -52.15 -11.99
CA PHE A 216 -17.96 -50.73 -11.76
C PHE A 216 -19.14 -50.34 -12.65
N VAL A 217 -20.31 -50.20 -12.05
CA VAL A 217 -21.52 -49.97 -12.83
C VAL A 217 -21.37 -48.70 -13.67
N SER A 218 -21.23 -47.56 -13.00
CA SER A 218 -21.17 -46.29 -13.73
C SER A 218 -20.89 -45.16 -12.73
N ARG A 219 -20.60 -43.98 -13.27
CA ARG A 219 -20.40 -42.77 -12.47
C ARG A 219 -21.58 -41.83 -12.70
N PRO A 220 -22.54 -41.72 -11.78
CA PRO A 220 -23.63 -40.75 -11.98
C PRO A 220 -23.11 -39.32 -12.07
N ALA A 221 -22.06 -39.01 -11.33
CA ALA A 221 -21.32 -37.76 -11.46
C ALA A 221 -19.85 -38.09 -11.29
N GLU A 222 -18.98 -37.19 -11.76
CA GLU A 222 -17.55 -37.45 -11.69
C GLU A 222 -17.11 -37.71 -10.25
N ASN A 223 -17.72 -37.00 -9.30
CA ASN A 223 -17.38 -37.17 -7.89
C ASN A 223 -18.06 -38.39 -7.26
N LYS A 224 -18.65 -39.26 -8.08
CA LYS A 224 -19.29 -40.48 -7.60
C LYS A 224 -18.86 -41.66 -8.44
N LEU A 225 -18.70 -42.82 -7.80
CA LEU A 225 -18.35 -44.06 -8.51
C LEU A 225 -19.13 -45.20 -7.90
N ASP A 226 -19.96 -45.85 -8.71
CA ASP A 226 -20.84 -46.91 -8.26
C ASP A 226 -20.28 -48.26 -8.71
N PHE A 227 -20.21 -49.20 -7.78
CA PHE A 227 -19.76 -50.55 -8.08
C PHE A 227 -20.57 -51.54 -7.26
N GLN A 228 -20.66 -52.77 -7.76
CA GLN A 228 -21.38 -53.84 -7.10
C GLN A 228 -20.43 -55.00 -6.86
N LEU A 229 -20.60 -55.66 -5.72
CA LEU A 229 -19.76 -56.78 -5.31
C LEU A 229 -20.67 -57.92 -4.88
N GLU A 230 -20.64 -59.02 -5.63
CA GLU A 230 -21.48 -60.17 -5.31
C GLU A 230 -21.00 -60.83 -4.02
N ALA A 231 -21.94 -61.07 -3.11
CA ALA A 231 -21.62 -61.42 -1.74
C ALA A 231 -20.75 -62.68 -1.68
N PHE A 232 -20.17 -62.92 -0.50
CA PHE A 232 -19.28 -64.06 -0.32
C PHE A 232 -18.95 -64.24 1.16
N ARG A 233 -18.37 -65.40 1.46
CA ARG A 233 -17.87 -65.72 2.79
C ARG A 233 -16.46 -66.30 2.67
N PHE A 234 -15.73 -66.28 3.77
CA PHE A 234 -14.41 -66.90 3.80
C PHE A 234 -14.53 -68.38 4.15
N GLN A 235 -13.49 -69.14 3.81
CA GLN A 235 -13.57 -70.60 3.88
C GLN A 235 -13.78 -71.08 5.31
N GLY A 236 -13.02 -70.55 6.26
CA GLY A 236 -13.09 -71.02 7.62
C GLY A 236 -13.89 -70.11 8.52
N ALA A 237 -14.72 -69.26 7.92
CA ALA A 237 -15.45 -68.25 8.67
C ALA A 237 -16.63 -68.88 9.40
N ASP A 238 -16.66 -68.72 10.73
CA ASP A 238 -17.85 -69.00 11.51
C ASP A 238 -18.72 -67.75 11.63
N SER A 239 -18.11 -66.59 11.83
CA SER A 239 -18.84 -65.34 11.92
C SER A 239 -19.39 -64.94 10.56
N GLY A 240 -20.43 -64.12 10.58
CA GLY A 240 -21.07 -63.66 9.36
C GLY A 240 -20.65 -62.26 8.95
N MET A 241 -20.18 -61.47 9.91
CA MET A 241 -19.84 -60.08 9.63
C MET A 241 -18.47 -60.01 8.97
N ILE A 242 -18.39 -59.14 7.96
CA ILE A 242 -17.19 -58.96 7.15
C ILE A 242 -16.92 -57.46 7.06
N TYR A 243 -15.67 -57.07 7.33
CA TYR A 243 -15.29 -55.67 7.38
C TYR A 243 -14.53 -55.29 6.10
N ILE A 244 -14.95 -54.19 5.48
CA ILE A 244 -14.42 -53.73 4.20
C ILE A 244 -13.77 -52.37 4.41
N THR A 245 -12.49 -52.27 4.06
CA THR A 245 -11.70 -51.06 4.26
C THR A 245 -11.06 -50.66 2.94
N CYS A 246 -11.32 -49.43 2.50
CA CYS A 246 -10.96 -48.97 1.17
C CYS A 246 -10.09 -47.72 1.23
N HIS A 247 -9.24 -47.56 0.23
CA HIS A 247 -8.51 -46.32 -0.02
C HIS A 247 -9.25 -45.52 -1.08
N LEU A 248 -9.59 -44.28 -0.77
CA LEU A 248 -10.29 -43.41 -1.69
C LEU A 248 -9.41 -42.21 -2.03
N LYS A 249 -9.40 -41.83 -3.30
CA LYS A 249 -8.63 -40.70 -3.79
C LYS A 249 -9.55 -39.78 -4.57
N ALA A 250 -9.04 -38.59 -4.92
CA ALA A 250 -9.80 -37.63 -5.69
C ALA A 250 -8.85 -36.69 -6.41
N THR A 251 -9.30 -36.20 -7.57
CA THR A 251 -8.59 -35.17 -8.31
C THR A 251 -9.62 -34.26 -8.95
N SER A 252 -9.16 -33.33 -9.79
CA SER A 252 -10.03 -32.56 -10.66
C SER A 252 -10.48 -33.40 -11.84
N ALA A 253 -11.67 -33.09 -12.35
CA ALA A 253 -12.15 -33.77 -13.55
C ALA A 253 -11.24 -33.51 -14.75
N ALA A 254 -10.42 -32.48 -14.68
CA ALA A 254 -9.46 -32.17 -15.73
C ALA A 254 -8.15 -32.93 -15.60
N TYR A 255 -7.97 -33.71 -14.53
CA TYR A 255 -6.79 -34.55 -14.42
C TYR A 255 -6.91 -35.72 -15.39
N PRO A 256 -5.88 -36.01 -16.19
CA PRO A 256 -5.99 -37.12 -17.15
C PRO A 256 -6.13 -38.47 -16.45
N LEU A 257 -7.01 -39.30 -16.99
CA LEU A 257 -7.11 -40.67 -16.50
C LEU A 257 -5.77 -41.36 -16.72
N ASP A 258 -5.35 -42.13 -15.72
CA ASP A 258 -4.00 -42.68 -15.68
C ASP A 258 -4.08 -44.14 -15.24
N ALA A 259 -2.95 -44.84 -15.35
CA ALA A 259 -2.89 -46.21 -14.87
C ALA A 259 -3.04 -46.31 -13.37
N GLU A 260 -2.79 -45.22 -12.64
CA GLU A 260 -3.07 -45.16 -11.22
C GLU A 260 -4.30 -44.33 -10.90
N HIS A 261 -5.01 -43.84 -11.93
CA HIS A 261 -6.24 -43.08 -11.77
C HIS A 261 -7.27 -43.71 -12.72
N ARG A 262 -7.97 -44.73 -12.22
CA ARG A 262 -8.87 -45.49 -13.09
C ARG A 262 -9.81 -46.32 -12.22
N ALA A 263 -10.88 -46.78 -12.85
CA ALA A 263 -11.85 -47.69 -12.24
C ALA A 263 -12.12 -48.81 -13.25
N CYS A 264 -11.52 -49.97 -13.02
CA CYS A 264 -11.53 -51.05 -14.00
C CYS A 264 -12.24 -52.27 -13.44
N SER A 265 -12.84 -53.04 -14.33
CA SER A 265 -13.59 -54.25 -13.99
C SER A 265 -13.49 -55.21 -15.17
N TYR A 266 -13.37 -56.51 -14.86
CA TYR A 266 -13.16 -57.53 -15.88
C TYR A 266 -14.51 -58.04 -16.34
N ILE A 267 -14.92 -57.63 -17.53
CA ILE A 267 -16.19 -58.04 -18.14
C ILE A 267 -15.83 -58.56 -19.53
N GLN A 268 -15.55 -59.86 -19.63
CA GLN A 268 -15.06 -60.46 -20.87
C GLN A 268 -13.89 -59.65 -21.41
N GLY A 269 -13.01 -59.22 -20.51
CA GLY A 269 -11.93 -58.32 -20.85
C GLY A 269 -11.96 -57.10 -19.96
N TRP A 270 -10.80 -56.66 -19.48
CA TRP A 270 -10.76 -55.53 -18.57
C TRP A 270 -11.42 -54.31 -19.19
N LYS A 271 -12.33 -53.70 -18.45
CA LYS A 271 -13.19 -52.63 -18.97
C LYS A 271 -13.15 -51.42 -18.04
N GLU A 272 -13.07 -50.24 -18.64
CA GLU A 272 -13.01 -48.98 -17.91
C GLU A 272 -14.39 -48.34 -17.92
N VAL A 273 -14.94 -48.07 -16.73
CA VAL A 273 -16.07 -47.16 -16.66
C VAL A 273 -15.58 -45.80 -17.15
N SER A 274 -16.41 -45.13 -17.95
CA SER A 274 -16.07 -44.01 -18.83
C SER A 274 -15.56 -44.50 -20.18
N GLY A 275 -15.43 -45.80 -20.39
CA GLY A 275 -15.18 -46.34 -21.71
C GLY A 275 -13.74 -46.31 -22.19
N ALA A 276 -12.82 -45.76 -21.41
CA ALA A 276 -11.41 -45.71 -21.80
C ALA A 276 -10.74 -47.04 -21.45
N ASP A 277 -11.18 -48.08 -22.15
CA ASP A 277 -10.79 -49.44 -21.79
C ASP A 277 -9.29 -49.70 -21.80
N PRO A 278 -8.51 -49.20 -22.76
CA PRO A 278 -7.07 -49.56 -22.78
C PRO A 278 -6.35 -49.21 -21.49
N ILE A 279 -6.78 -48.19 -20.77
CA ILE A 279 -6.15 -47.83 -19.51
C ILE A 279 -6.00 -49.04 -18.60
N CYS A 280 -6.91 -50.00 -18.72
CA CYS A 280 -6.98 -51.12 -17.79
C CYS A 280 -6.04 -52.25 -18.14
N ALA A 281 -5.24 -52.11 -19.20
CA ALA A 281 -4.40 -53.23 -19.66
C ALA A 281 -3.55 -53.80 -18.54
N SER A 282 -3.05 -52.95 -17.65
CA SER A 282 -2.10 -53.38 -16.61
C SER A 282 -2.79 -54.00 -15.39
N CYS A 283 -4.13 -54.05 -15.38
CA CYS A 283 -4.82 -54.75 -14.30
C CYS A 283 -4.50 -56.25 -14.35
N GLU A 284 -4.21 -56.77 -15.55
CA GLU A 284 -3.85 -58.17 -15.72
C GLU A 284 -2.37 -58.34 -15.36
N SER A 285 -2.11 -58.25 -14.07
CA SER A 285 -0.77 -58.41 -13.54
C SER A 285 -0.58 -59.84 -13.06
N GLY A 286 0.55 -60.11 -12.43
CA GLY A 286 0.72 -61.31 -11.65
C GLY A 286 0.11 -61.13 -10.28
N GLY A 287 0.29 -62.15 -9.45
CA GLY A 287 -0.18 -62.11 -8.08
C GLY A 287 -1.60 -62.59 -7.87
N PHE A 288 -2.40 -62.68 -8.93
CA PHE A 288 -3.75 -63.21 -8.84
C PHE A 288 -3.88 -64.40 -9.77
N GLU A 289 -4.65 -65.40 -9.34
CA GLU A 289 -4.83 -66.64 -10.09
C GLU A 289 -6.31 -66.82 -10.42
N VAL A 290 -6.65 -66.70 -11.70
CA VAL A 290 -8.02 -66.85 -12.13
C VAL A 290 -8.53 -68.24 -11.73
N HIS A 291 -9.77 -68.29 -11.25
CA HIS A 291 -10.37 -69.57 -10.91
C HIS A 291 -10.81 -70.31 -12.16
N ALA A 292 -10.71 -71.64 -12.10
CA ALA A 292 -11.17 -72.49 -13.19
C ALA A 292 -11.73 -73.77 -12.59
N ASN A 293 -12.97 -74.09 -12.93
CA ASN A 293 -13.58 -75.34 -12.49
C ASN A 293 -13.02 -76.51 -13.32
N ALA A 294 -13.01 -77.69 -12.70
CA ALA A 294 -12.31 -78.83 -13.27
C ALA A 294 -13.05 -79.39 -14.49
N VAL A 295 -12.47 -80.43 -15.09
CA VAL A 295 -12.90 -80.96 -16.37
C VAL A 295 -12.84 -82.49 -16.34
N VAL A 296 -13.78 -83.13 -17.03
CA VAL A 296 -13.73 -84.57 -17.31
C VAL A 296 -14.33 -84.81 -18.69
N SER A 297 -14.20 -86.05 -19.16
CA SER A 297 -14.61 -86.41 -20.51
C SER A 297 -16.13 -86.55 -20.61
N HIS A 298 -16.63 -86.48 -21.84
CA HIS A 298 -18.07 -86.49 -22.10
C HIS A 298 -18.68 -87.85 -21.75
N GLY A 299 -19.83 -87.80 -21.10
CA GLY A 299 -20.65 -88.97 -20.90
C GLY A 299 -22.11 -88.62 -21.09
N THR A 300 -22.90 -89.62 -21.49
CA THR A 300 -24.32 -89.43 -21.74
C THR A 300 -25.11 -90.09 -20.62
N SER A 301 -26.03 -89.34 -20.03
CA SER A 301 -26.83 -89.83 -18.91
C SER A 301 -27.73 -90.99 -19.34
N SER B 1 16.40 69.13 -13.03
CA SER B 1 17.54 70.00 -12.59
C SER B 1 18.39 69.36 -11.49
N PRO B 2 17.77 68.87 -10.41
CA PRO B 2 18.57 68.40 -9.27
C PRO B 2 19.46 67.21 -9.60
N LEU B 3 20.46 67.00 -8.75
CA LEU B 3 21.32 65.83 -8.81
C LEU B 3 20.54 64.59 -8.36
N SER B 4 21.03 63.42 -8.77
CA SER B 4 20.42 62.16 -8.35
C SER B 4 21.48 61.07 -8.32
N ILE B 5 21.62 60.40 -7.18
CA ILE B 5 22.55 59.29 -7.00
C ILE B 5 21.74 58.02 -6.80
N ALA B 6 22.30 56.91 -7.28
CA ALA B 6 21.61 55.62 -7.19
C ALA B 6 22.63 54.49 -7.11
N GLU B 7 22.29 53.47 -6.32
CA GLU B 7 23.16 52.30 -6.15
C GLU B 7 22.30 51.10 -5.83
N LEU B 8 22.90 49.92 -5.94
CA LEU B 8 22.24 48.66 -5.62
C LEU B 8 22.46 48.29 -4.16
N GLY B 9 21.60 47.42 -3.66
CA GLY B 9 21.73 46.87 -2.32
C GLY B 9 21.15 45.48 -2.26
N PRO B 10 21.65 44.65 -1.35
CA PRO B 10 21.19 43.26 -1.28
C PRO B 10 19.80 43.13 -0.67
N LEU B 11 19.12 42.05 -1.07
CA LEU B 11 17.82 41.68 -0.51
C LEU B 11 17.65 40.19 -0.70
N ASN B 12 17.55 39.44 0.40
CA ASN B 12 17.66 37.99 0.38
C ASN B 12 16.39 37.33 0.90
N VAL B 13 16.10 36.14 0.35
CA VAL B 13 14.93 35.35 0.70
C VAL B 13 15.39 33.94 1.01
N TYR B 14 14.84 33.35 2.09
CA TYR B 14 15.31 32.07 2.60
C TYR B 14 14.13 31.14 2.86
N LEU B 15 14.28 29.88 2.46
CA LEU B 15 13.26 28.86 2.62
C LEU B 15 13.78 27.76 3.54
N GLN B 16 12.98 27.37 4.53
CA GLN B 16 13.36 26.32 5.47
C GLN B 16 12.15 25.44 5.77
N ILE B 17 12.42 24.24 6.26
CA ILE B 17 11.40 23.25 6.58
C ILE B 17 11.30 23.13 8.09
N ALA B 18 10.06 23.14 8.61
CA ALA B 18 9.84 23.13 10.04
C ALA B 18 10.02 21.74 10.64
N ASN B 19 10.50 21.70 11.89
CA ASN B 19 10.66 20.46 12.63
C ASN B 19 10.09 20.56 14.04
N GLY B 20 9.14 21.46 14.28
CA GLY B 20 8.56 21.60 15.60
C GLY B 20 7.68 20.41 15.94
N GLN B 21 7.70 20.03 17.22
CA GLN B 21 6.97 18.87 17.71
C GLN B 21 5.88 19.31 18.66
N CYS B 22 4.67 18.74 18.48
CA CYS B 22 3.52 19.09 19.30
C CYS B 22 3.85 18.96 20.77
N GLN B 23 3.55 20.01 21.54
CA GLN B 23 3.93 20.05 22.95
C GLN B 23 3.41 18.83 23.70
N THR B 24 2.09 18.68 23.74
CA THR B 24 1.45 17.48 24.23
C THR B 24 0.43 17.04 23.20
N LYS B 25 -0.04 15.78 23.31
CA LYS B 25 -1.14 15.33 22.48
C LYS B 25 -2.33 16.25 22.71
N GLY B 26 -2.94 16.70 21.61
CA GLY B 26 -4.04 17.64 21.64
C GLY B 26 -3.68 19.04 21.20
N CYS B 27 -2.39 19.39 21.19
CA CYS B 27 -1.99 20.74 20.82
C CYS B 27 -2.38 21.02 19.36
N ASP B 28 -2.21 22.28 18.95
CA ASP B 28 -2.41 22.68 17.57
C ASP B 28 -1.14 22.35 16.79
N GLU B 29 -1.19 21.26 16.01
CA GLU B 29 0.02 20.77 15.35
C GLU B 29 0.59 21.80 14.37
N ALA B 30 -0.29 22.45 13.60
CA ALA B 30 0.17 23.41 12.60
C ALA B 30 0.96 24.53 13.25
N ALA B 31 0.51 25.01 14.40
CA ALA B 31 1.26 26.04 15.12
C ALA B 31 2.55 25.47 15.70
N ALA B 32 2.49 24.28 16.29
CA ALA B 32 3.66 23.71 16.95
C ALA B 32 4.80 23.47 15.97
N ALA B 33 4.48 23.23 14.70
CA ALA B 33 5.53 22.89 13.74
C ALA B 33 6.52 24.03 13.57
N TYR B 34 6.03 25.24 13.34
CA TYR B 34 6.91 26.38 13.01
C TYR B 34 7.67 26.93 14.23
N THR B 35 7.59 26.28 15.39
CA THR B 35 8.40 26.66 16.54
C THR B 35 9.84 26.21 16.43
N SER B 36 10.17 25.41 15.42
CA SER B 36 11.53 24.99 15.17
C SER B 36 11.67 24.74 13.67
N PHE B 37 12.92 24.77 13.18
CA PHE B 37 13.20 24.55 11.78
C PHE B 37 14.45 23.70 11.62
N TYR B 38 14.45 22.82 10.62
CA TYR B 38 15.60 21.95 10.38
C TYR B 38 16.81 22.80 10.01
N THR B 39 17.99 22.31 10.41
CA THR B 39 19.25 22.91 9.98
C THR B 39 19.81 22.10 8.81
N ASP B 40 20.93 22.57 8.26
CA ASP B 40 21.53 21.89 7.10
C ASP B 40 21.98 20.48 7.46
N ALA B 41 22.55 20.31 8.66
CA ALA B 41 23.05 19.00 9.05
C ALA B 41 21.96 17.94 9.04
N ASP B 42 20.71 18.35 9.28
CA ASP B 42 19.62 17.38 9.38
C ASP B 42 19.27 16.73 8.05
N TYR B 43 19.72 17.32 6.91
CA TYR B 43 19.32 16.79 5.61
C TYR B 43 20.29 15.72 5.14
N PRO B 44 19.83 14.79 4.27
CA PRO B 44 18.46 14.67 3.74
C PRO B 44 17.47 14.26 4.82
N VAL B 45 16.27 14.82 4.78
CA VAL B 45 15.27 14.64 5.84
C VAL B 45 14.26 13.59 5.37
N THR B 46 14.11 12.54 6.16
CA THR B 46 13.14 11.50 5.86
C THR B 46 11.77 11.91 6.37
N LYS B 47 10.77 11.79 5.51
CA LYS B 47 9.39 12.06 5.90
C LYS B 47 8.47 11.12 5.13
N VAL B 48 7.58 10.45 5.86
CA VAL B 48 6.75 9.41 5.27
C VAL B 48 5.69 10.03 4.37
N LEU B 49 5.19 9.23 3.43
CA LEU B 49 4.18 9.71 2.51
C LEU B 49 2.90 10.11 3.25
N ARG B 50 2.24 11.15 2.75
CA ARG B 50 1.00 11.73 3.23
C ARG B 50 1.21 12.60 4.48
N ASP B 51 2.42 12.65 5.04
CA ASP B 51 2.64 13.43 6.25
C ASP B 51 2.73 14.91 5.93
N PRO B 52 2.32 15.77 6.85
CA PRO B 52 2.36 17.22 6.58
C PRO B 52 3.78 17.75 6.66
N VAL B 53 4.19 18.44 5.59
CA VAL B 53 5.47 19.14 5.55
C VAL B 53 5.18 20.63 5.67
N TYR B 54 5.66 21.24 6.74
CA TYR B 54 5.42 22.65 7.02
C TYR B 54 6.61 23.47 6.56
N VAL B 55 6.35 24.49 5.74
CA VAL B 55 7.39 25.26 5.08
C VAL B 55 7.22 26.73 5.44
N ASP B 56 8.36 27.42 5.62
CA ASP B 56 8.38 28.84 5.95
C ASP B 56 9.34 29.54 4.99
N VAL B 57 8.83 30.55 4.28
CA VAL B 57 9.62 31.36 3.37
C VAL B 57 9.66 32.77 3.93
N GLN B 58 10.84 33.40 3.85
CA GLN B 58 11.16 34.54 4.71
C GLN B 58 12.14 35.47 4.02
N ILE B 59 11.95 36.76 4.23
CA ILE B 59 12.94 37.77 3.83
C ILE B 59 13.88 37.99 5.01
N LEU B 60 15.18 38.04 4.73
CA LEU B 60 16.20 38.04 5.77
C LEU B 60 16.78 39.44 5.96
N GLY B 61 16.90 39.85 7.22
CA GLY B 61 17.69 41.00 7.58
C GLY B 61 17.08 42.35 7.34
N ARG B 62 15.83 42.41 6.91
CA ARG B 62 15.14 43.67 6.71
C ARG B 62 14.50 44.13 8.02
N THR B 63 14.17 45.42 8.09
CA THR B 63 13.53 46.01 9.25
C THR B 63 12.33 46.87 8.90
N ASP B 64 11.98 47.01 7.63
CA ASP B 64 10.81 47.79 7.23
C ASP B 64 9.57 46.91 7.31
N PRO B 65 8.64 47.20 8.23
CA PRO B 65 7.46 46.34 8.36
C PRO B 65 6.47 46.45 7.21
N ASN B 66 6.60 47.47 6.36
CA ASN B 66 5.68 47.62 5.23
C ASN B 66 5.91 46.58 4.14
N LEU B 67 7.09 45.96 4.10
CA LEU B 67 7.36 44.95 3.09
C LEU B 67 6.53 43.69 3.35
N VAL B 68 5.98 43.14 2.27
CA VAL B 68 5.15 41.94 2.34
C VAL B 68 5.72 40.93 1.36
N LEU B 69 6.14 39.77 1.88
CA LEU B 69 6.60 38.68 1.03
C LEU B 69 5.41 37.96 0.43
N THR B 70 5.38 37.87 -0.90
CA THR B 70 4.31 37.21 -1.63
C THR B 70 4.88 36.03 -2.40
N LEU B 71 4.22 34.88 -2.29
CA LEU B 71 4.65 33.69 -2.99
C LEU B 71 3.90 33.54 -4.31
N GLY B 72 4.59 32.99 -5.30
CA GLY B 72 4.02 32.79 -6.61
C GLY B 72 3.70 31.32 -6.85
N ARG B 73 4.59 30.63 -7.55
CA ARG B 73 4.49 29.19 -7.75
C ARG B 73 5.48 28.48 -6.84
N CYS B 74 4.98 27.55 -6.04
CA CYS B 74 5.81 26.63 -5.26
C CYS B 74 5.62 25.23 -5.81
N TRP B 75 6.74 24.58 -6.17
CA TRP B 75 6.67 23.30 -6.86
C TRP B 75 7.75 22.38 -6.32
N ALA B 76 7.75 21.14 -6.81
CA ALA B 76 8.68 20.12 -6.36
C ALA B 76 9.38 19.49 -7.57
N THR B 77 10.58 18.97 -7.33
CA THR B 77 11.38 18.33 -8.37
C THR B 77 12.00 17.06 -7.81
N THR B 78 12.57 16.25 -8.72
CA THR B 78 13.32 15.06 -8.32
C THR B 78 14.80 15.34 -8.08
N SER B 79 15.32 16.44 -8.63
CA SER B 79 16.72 16.79 -8.46
C SER B 79 16.84 18.18 -7.85
N PRO B 80 18.04 18.58 -7.43
CA PRO B 80 18.22 19.94 -6.90
C PRO B 80 17.85 21.05 -7.88
N ASN B 81 18.07 20.85 -9.18
CA ASN B 81 17.73 21.86 -10.17
C ASN B 81 16.22 22.06 -10.21
N ALA B 82 15.77 23.28 -9.93
CA ALA B 82 14.34 23.55 -9.87
C ALA B 82 13.71 23.55 -11.25
N PHE B 83 14.48 23.89 -12.29
CA PHE B 83 13.97 23.80 -13.66
C PHE B 83 13.93 22.38 -14.19
N SER B 84 14.48 21.42 -13.44
CA SER B 84 14.51 20.03 -13.90
C SER B 84 13.13 19.41 -13.84
N LEU B 85 12.93 18.37 -14.64
CA LEU B 85 11.69 17.62 -14.67
C LEU B 85 11.91 16.22 -14.12
N PRO B 86 10.84 15.56 -13.62
CA PRO B 86 9.44 16.01 -13.58
C PRO B 86 9.18 17.04 -12.50
N GLN B 87 7.99 17.64 -12.49
CA GLN B 87 7.62 18.64 -11.51
C GLN B 87 6.22 18.37 -11.00
N TRP B 88 6.00 18.68 -9.72
CA TRP B 88 4.68 18.69 -9.12
C TRP B 88 4.41 20.08 -8.56
N ASP B 89 3.17 20.51 -8.64
CA ASP B 89 2.77 21.85 -8.21
C ASP B 89 2.17 21.79 -6.82
N ILE B 90 2.68 22.64 -5.93
CA ILE B 90 2.14 22.80 -4.59
C ILE B 90 1.33 24.08 -4.48
N LEU B 91 1.88 25.19 -4.95
CA LEU B 91 1.15 26.46 -5.02
C LEU B 91 1.26 27.01 -6.45
N ILE B 92 0.19 27.65 -6.89
CA ILE B 92 0.15 28.32 -8.20
C ILE B 92 -0.53 29.66 -8.00
N ASP B 93 0.10 30.74 -8.46
CA ASP B 93 -0.40 32.10 -8.27
C ASP B 93 -0.65 32.40 -6.80
N GLY B 94 0.13 31.77 -5.93
CA GLY B 94 -0.01 31.97 -4.50
C GLY B 94 -1.14 31.21 -3.85
N CYS B 95 -1.89 30.40 -4.61
CA CYS B 95 -3.00 29.64 -4.07
C CYS B 95 -2.79 28.16 -4.29
N PRO B 96 -3.16 27.31 -3.31
CA PRO B 96 -2.97 25.86 -3.45
C PRO B 96 -3.35 25.28 -4.81
N TYR B 97 -2.49 24.39 -5.30
CA TYR B 97 -2.77 23.63 -6.51
C TYR B 97 -4.07 22.86 -6.32
N ALA B 98 -4.95 22.94 -7.33
CA ALA B 98 -6.32 22.45 -7.20
C ALA B 98 -6.52 21.04 -7.72
N ASP B 99 -5.65 20.55 -8.60
CA ASP B 99 -5.77 19.21 -9.15
C ASP B 99 -5.01 18.17 -8.33
N ASP B 100 -4.77 18.46 -7.05
CA ASP B 100 -4.19 17.50 -6.12
C ASP B 100 -5.24 17.14 -5.08
N ARG B 101 -5.50 15.84 -4.92
CA ARG B 101 -6.45 15.42 -3.90
C ARG B 101 -5.95 15.77 -2.51
N TYR B 102 -4.70 15.40 -2.21
CA TYR B 102 -4.08 15.80 -0.95
C TYR B 102 -3.73 17.27 -1.03
N LEU B 103 -4.75 18.13 -0.95
CA LEU B 103 -4.56 19.53 -1.26
C LEU B 103 -3.54 20.18 -0.33
N SER B 104 -2.74 21.07 -0.90
CA SER B 104 -1.87 21.92 -0.11
C SER B 104 -2.69 23.00 0.59
N ALA B 105 -2.07 23.65 1.57
CA ALA B 105 -2.75 24.66 2.35
C ALA B 105 -1.80 25.80 2.70
N LEU B 106 -2.35 27.01 2.74
CA LEU B 106 -1.62 28.17 3.23
C LEU B 106 -1.89 28.31 4.73
N VAL B 107 -0.85 28.67 5.47
CA VAL B 107 -0.93 28.78 6.92
C VAL B 107 -1.01 30.27 7.27
N PRO B 108 -2.13 30.77 7.80
CA PRO B 108 -2.17 32.16 8.26
C PRO B 108 -1.07 32.41 9.28
N ILE B 109 -0.47 33.60 9.19
CA ILE B 109 0.73 33.93 9.96
C ILE B 109 0.44 35.12 10.86
N ASP B 110 -0.77 35.19 11.37
CA ASP B 110 -1.26 36.35 12.12
C ASP B 110 -0.50 36.52 13.43
N HIS B 111 -0.94 37.49 14.23
CA HIS B 111 -0.25 37.83 15.47
C HIS B 111 -0.03 36.61 16.35
N SER B 112 -0.89 35.59 16.25
CA SER B 112 -0.69 34.38 17.02
C SER B 112 0.71 33.82 16.79
N SER B 113 1.24 33.96 15.57
CA SER B 113 2.60 33.52 15.29
C SER B 113 3.62 34.28 16.11
N GLY B 114 3.34 35.55 16.41
CA GLY B 114 4.23 36.35 17.24
C GLY B 114 5.59 36.57 16.63
N LEU B 115 5.63 36.91 15.35
CA LEU B 115 6.91 37.14 14.69
C LEU B 115 7.29 38.62 14.77
N PRO B 116 8.58 38.94 14.71
CA PRO B 116 8.97 40.37 14.71
C PRO B 116 8.42 41.11 13.51
N PHE B 117 8.44 40.50 12.33
CA PHE B 117 7.86 41.08 11.13
C PHE B 117 7.07 40.00 10.41
N PRO B 118 5.86 39.71 10.86
CA PRO B 118 5.08 38.63 10.23
C PRO B 118 4.84 38.85 8.75
N THR B 119 4.86 40.10 8.27
CA THR B 119 4.69 40.36 6.85
C THR B 119 5.84 39.80 6.03
N HIS B 120 7.05 39.73 6.60
CA HIS B 120 8.20 39.23 5.86
C HIS B 120 8.13 37.73 5.60
N HIS B 121 7.23 37.02 6.27
CA HIS B 121 7.14 35.57 6.18
C HIS B 121 5.90 35.17 5.40
N SER B 122 5.99 34.01 4.74
CA SER B 122 4.84 33.39 4.08
C SER B 122 4.98 31.89 4.30
N ARG B 123 3.99 31.28 4.93
CA ARG B 123 4.04 29.88 5.31
C ARG B 123 2.98 29.06 4.56
N PHE B 124 3.33 27.81 4.26
CA PHE B 124 2.41 26.90 3.59
C PHE B 124 2.79 25.46 3.93
N LEU B 125 1.82 24.56 3.78
CA LEU B 125 2.01 23.14 4.05
C LEU B 125 1.57 22.32 2.85
N PHE B 126 2.22 21.17 2.67
CA PHE B 126 1.85 20.20 1.65
C PHE B 126 1.96 18.81 2.26
N LYS B 127 1.37 17.84 1.59
CA LYS B 127 1.38 16.45 2.05
C LYS B 127 2.46 15.68 1.31
N MET B 128 3.29 14.96 2.07
CA MET B 128 4.49 14.34 1.51
C MET B 128 4.13 13.32 0.44
N PHE B 129 4.96 13.24 -0.60
CA PHE B 129 4.71 12.35 -1.72
C PHE B 129 6.05 11.85 -2.25
N THR B 130 5.98 10.99 -3.26
CA THR B 130 7.16 10.56 -4.01
C THR B 130 6.80 10.57 -5.49
N PHE B 131 7.77 10.96 -6.32
CA PHE B 131 7.52 11.03 -7.75
C PHE B 131 7.45 9.63 -8.36
N VAL B 132 6.63 9.50 -9.40
CA VAL B 132 6.34 8.22 -10.03
C VAL B 132 6.59 8.34 -11.53
N ASP B 133 7.09 7.26 -12.12
CA ASP B 133 7.19 7.19 -13.58
C ASP B 133 5.78 6.99 -14.15
N PRO B 134 5.20 7.97 -14.83
CA PRO B 134 3.81 7.82 -15.28
C PRO B 134 3.60 6.63 -16.20
N HIS B 135 4.61 6.24 -16.98
CA HIS B 135 4.47 5.13 -17.91
C HIS B 135 4.25 3.81 -17.16
N SER B 136 5.11 3.52 -16.18
CA SER B 136 5.01 2.30 -15.40
C SER B 136 4.14 2.45 -14.15
N MET B 137 3.81 3.68 -13.76
CA MET B 137 3.08 3.94 -12.53
C MET B 137 3.74 3.23 -11.33
N GLU B 138 5.05 3.38 -11.23
CA GLU B 138 5.82 2.78 -10.14
C GLU B 138 6.72 3.83 -9.50
N PRO B 139 7.00 3.70 -8.20
CA PRO B 139 7.78 4.73 -7.51
C PRO B 139 9.13 4.96 -8.16
N LEU B 140 9.46 6.24 -8.34
CA LEU B 140 10.76 6.62 -8.89
C LEU B 140 11.88 6.40 -7.90
N ARG B 141 11.57 6.29 -6.61
CA ARG B 141 12.57 6.06 -5.57
C ARG B 141 13.70 7.08 -5.69
N GLU B 142 13.31 8.35 -5.79
CA GLU B 142 14.23 9.46 -5.91
C GLU B 142 13.87 10.53 -4.89
N LYS B 143 14.86 11.32 -4.49
CA LYS B 143 14.64 12.38 -3.52
C LYS B 143 13.71 13.44 -4.09
N VAL B 144 13.26 14.35 -3.20
CA VAL B 144 12.36 15.43 -3.55
C VAL B 144 12.93 16.74 -3.05
N TYR B 145 12.73 17.80 -3.84
CA TYR B 145 13.18 19.14 -3.48
C TYR B 145 12.01 20.10 -3.66
N ILE B 146 11.91 21.08 -2.77
CA ILE B 146 10.79 22.03 -2.72
C ILE B 146 11.32 23.40 -3.11
N HIS B 147 10.65 24.06 -4.06
CA HIS B 147 11.07 25.34 -4.59
C HIS B 147 9.90 26.30 -4.66
N CYS B 148 10.19 27.59 -4.53
CA CYS B 148 9.19 28.65 -4.56
C CYS B 148 9.72 29.86 -5.30
N SER B 149 8.87 30.46 -6.12
CA SER B 149 9.11 31.80 -6.63
C SER B 149 8.50 32.80 -5.68
N THR B 150 9.23 33.87 -5.38
CA THR B 150 8.81 34.85 -4.39
C THR B 150 8.99 36.25 -4.95
N ALA B 151 8.23 37.18 -4.38
CA ALA B 151 8.35 38.60 -4.70
C ALA B 151 8.13 39.42 -3.44
N ALA B 152 9.05 40.34 -3.15
CA ALA B 152 8.81 41.32 -2.13
C ALA B 152 7.82 42.36 -2.65
N CYS B 153 6.89 42.76 -1.81
CA CYS B 153 5.74 43.54 -2.24
C CYS B 153 5.55 44.71 -1.30
N VAL B 154 4.98 45.79 -1.84
CA VAL B 154 4.74 47.00 -1.05
C VAL B 154 3.25 47.34 -1.12
N PRO B 155 2.52 47.25 -0.01
CA PRO B 155 1.11 47.66 -0.03
C PRO B 155 0.97 49.17 -0.11
N GLY B 156 -0.22 49.60 -0.51
CA GLY B 156 -0.48 51.01 -0.76
C GLY B 156 -0.15 51.46 -2.15
N GLN B 157 0.58 50.66 -2.92
CA GLN B 157 0.75 50.90 -4.35
C GLN B 157 -0.50 50.37 -5.07
N GLY B 158 -0.43 50.28 -6.39
CA GLY B 158 -1.52 49.71 -7.14
C GLY B 158 -1.60 48.20 -7.11
N VAL B 159 -0.62 47.55 -6.48
CA VAL B 159 -0.51 46.10 -6.49
C VAL B 159 -1.01 45.55 -5.17
N SER B 160 -1.42 44.28 -5.20
CA SER B 160 -1.89 43.57 -4.02
C SER B 160 -0.83 42.59 -3.55
N CYS B 161 -0.63 42.53 -2.24
CA CYS B 161 0.43 41.73 -1.63
C CYS B 161 -0.08 40.49 -0.93
N GLU B 162 -1.30 40.05 -1.22
CA GLU B 162 -1.84 38.85 -0.63
C GLU B 162 -2.58 38.04 -1.67
N PRO B 163 -2.60 36.72 -1.54
CA PRO B 163 -3.26 35.89 -2.56
C PRO B 163 -4.74 35.72 -2.28
N SER B 164 -5.58 36.10 -3.23
CA SER B 164 -7.00 35.79 -3.17
C SER B 164 -7.22 34.37 -3.68
N CYS B 165 -7.89 33.54 -2.88
CA CYS B 165 -8.10 32.13 -3.23
C CYS B 165 -9.51 31.66 -2.90
N PRO C 9 6.87 -10.88 11.01
CA PRO C 9 6.39 -11.39 12.29
C PRO C 9 4.93 -11.05 12.61
N LYS C 10 4.20 -12.07 13.05
CA LYS C 10 2.80 -11.95 13.45
C LYS C 10 2.69 -12.02 14.95
N SER C 11 2.04 -11.01 15.54
CA SER C 11 1.82 -10.94 16.98
C SER C 11 0.33 -10.83 17.27
N CYS C 12 -0.05 -11.27 18.46
CA CYS C 12 -1.45 -11.32 18.86
C CYS C 12 -1.84 -10.15 19.75
N GLU C 13 -1.01 -9.10 19.80
CA GLU C 13 -1.28 -7.94 20.65
C GLU C 13 -2.29 -7.03 19.95
N VAL C 14 -3.52 -7.50 19.89
CA VAL C 14 -4.63 -6.79 19.22
C VAL C 14 -5.60 -6.32 20.30
N PRO C 15 -5.97 -5.04 20.32
CA PRO C 15 -6.93 -4.57 21.33
C PRO C 15 -8.35 -5.01 21.01
N ARG C 16 -9.17 -5.06 22.06
CA ARG C 16 -10.42 -5.80 22.01
C ARG C 16 -11.52 -5.12 21.21
N ASP C 17 -11.34 -3.86 20.79
CA ASP C 17 -12.37 -3.19 20.02
C ASP C 17 -12.29 -3.48 18.52
N VAL C 18 -11.16 -3.97 18.03
CA VAL C 18 -10.96 -4.24 16.61
C VAL C 18 -10.63 -5.70 16.33
N ARG C 19 -10.61 -6.56 17.35
CA ARG C 19 -10.34 -7.97 17.12
C ARG C 19 -11.38 -8.56 16.17
N VAL C 20 -10.92 -9.41 15.26
CA VAL C 20 -11.80 -10.20 14.40
C VAL C 20 -11.86 -11.61 14.96
N PRO C 21 -13.02 -12.10 15.40
CA PRO C 21 -13.07 -13.47 15.91
C PRO C 21 -12.96 -14.50 14.79
N CYS C 22 -12.35 -15.63 15.12
CA CYS C 22 -12.17 -16.72 14.17
C CYS C 22 -13.37 -17.68 14.26
N GLY C 23 -13.90 -18.05 13.09
CA GLY C 23 -15.25 -18.56 12.98
C GLY C 23 -15.49 -19.98 13.46
N VAL C 24 -15.08 -20.29 14.69
CA VAL C 24 -15.46 -21.53 15.33
C VAL C 24 -15.70 -21.26 16.80
N PRO C 25 -16.92 -20.93 17.22
CA PRO C 25 -17.15 -20.59 18.63
C PRO C 25 -16.76 -21.73 19.56
N ASP C 26 -16.36 -21.34 20.78
CA ASP C 26 -15.89 -22.26 21.83
C ASP C 26 -14.78 -23.19 21.34
N ILE C 27 -14.03 -22.76 20.32
CA ILE C 27 -12.88 -23.53 19.86
C ILE C 27 -11.81 -23.54 20.95
N SER C 28 -11.03 -24.62 21.00
CA SER C 28 -9.99 -24.77 22.01
C SER C 28 -8.75 -23.99 21.62
N PRO C 29 -7.90 -23.63 22.58
CA PRO C 29 -6.71 -22.83 22.25
C PRO C 29 -5.81 -23.46 21.20
N SER C 30 -5.60 -24.78 21.25
CA SER C 30 -4.73 -25.42 20.28
C SER C 30 -5.40 -25.53 18.91
N ALA C 31 -6.72 -25.72 18.87
CA ALA C 31 -7.43 -25.67 17.60
C ALA C 31 -7.40 -24.26 17.00
N CYS C 32 -7.65 -23.25 17.84
CA CYS C 32 -7.49 -21.87 17.39
C CYS C 32 -6.09 -21.61 16.88
N ASP C 33 -5.08 -22.25 17.46
CA ASP C 33 -3.72 -22.16 16.92
C ASP C 33 -3.64 -22.85 15.56
N ALA C 34 -4.32 -23.99 15.42
CA ALA C 34 -4.30 -24.71 14.15
C ALA C 34 -4.82 -23.85 13.01
N ILE C 35 -5.86 -23.04 13.27
CA ILE C 35 -6.42 -22.20 12.22
C ILE C 35 -5.58 -20.94 11.99
N ASP C 36 -4.45 -20.85 12.68
CA ASP C 36 -3.54 -19.69 12.58
C ASP C 36 -4.13 -18.45 13.25
N CYS C 37 -4.89 -18.63 14.32
CA CYS C 37 -5.51 -17.55 15.06
C CYS C 37 -4.84 -17.41 16.43
N CYS C 38 -5.38 -16.51 17.24
CA CYS C 38 -4.86 -16.21 18.56
C CYS C 38 -5.88 -16.57 19.63
N HIS C 39 -5.40 -16.99 20.79
CA HIS C 39 -6.27 -17.31 21.92
C HIS C 39 -5.71 -16.66 23.18
N ASP C 40 -6.58 -15.99 23.94
CA ASP C 40 -6.20 -15.30 25.15
C ASP C 40 -6.69 -15.99 26.41
N GLY C 41 -7.28 -17.18 26.27
CA GLY C 41 -7.89 -17.90 27.37
C GLY C 41 -9.41 -17.84 27.37
N GLN C 42 -9.98 -16.71 26.92
CA GLN C 42 -11.42 -16.55 26.88
C GLN C 42 -11.99 -16.48 25.46
N SER C 43 -11.18 -16.15 24.46
CA SER C 43 -11.68 -15.96 23.11
C SER C 43 -10.58 -16.23 22.09
N CYS C 44 -11.02 -16.48 20.85
CA CYS C 44 -10.12 -16.74 19.73
C CYS C 44 -10.31 -15.64 18.69
N TYR C 45 -9.20 -15.04 18.26
CA TYR C 45 -9.27 -13.89 17.36
C TYR C 45 -8.06 -13.91 16.42
N PHE C 46 -8.21 -13.21 15.29
CA PHE C 46 -7.13 -13.12 14.33
C PHE C 46 -5.99 -12.27 14.86
N GLY C 47 -4.77 -12.67 14.54
CA GLY C 47 -3.58 -11.97 14.99
C GLY C 47 -3.28 -10.75 14.15
N THR C 48 -2.05 -10.26 14.31
CA THR C 48 -1.59 -9.05 13.63
C THR C 48 -0.81 -9.44 12.38
N GLY C 49 -1.33 -9.08 11.22
CA GLY C 49 -0.69 -9.41 9.96
C GLY C 49 -1.69 -9.89 8.93
N ALA C 50 -1.23 -10.74 8.01
CA ALA C 50 -2.08 -11.35 7.01
C ALA C 50 -2.32 -12.81 7.37
N THR C 51 -3.59 -13.20 7.42
CA THR C 51 -3.97 -14.55 7.82
C THR C 51 -4.73 -15.21 6.67
N VAL C 52 -4.41 -16.48 6.43
CA VAL C 52 -5.02 -17.27 5.36
C VAL C 52 -5.65 -18.50 5.98
N GLN C 53 -6.94 -18.69 5.72
CA GLN C 53 -7.67 -19.85 6.20
C GLN C 53 -8.44 -20.48 5.06
N CYS C 54 -8.34 -21.80 4.93
CA CYS C 54 -9.12 -22.58 3.98
C CYS C 54 -10.05 -23.48 4.77
N THR C 55 -11.35 -23.39 4.48
CA THR C 55 -12.37 -24.07 5.26
C THR C 55 -13.00 -25.20 4.45
N LYS C 56 -13.81 -25.99 5.15
CA LYS C 56 -14.21 -27.29 4.64
C LYS C 56 -15.08 -27.20 3.38
N ASP C 57 -15.82 -26.11 3.22
CA ASP C 57 -16.77 -26.00 2.11
C ASP C 57 -16.12 -25.47 0.83
N GLY C 58 -14.84 -25.15 0.85
CA GLY C 58 -14.17 -24.68 -0.35
C GLY C 58 -14.22 -23.19 -0.55
N HIS C 59 -14.10 -22.43 0.54
CA HIS C 59 -14.05 -20.97 0.49
C HIS C 59 -12.74 -20.47 1.06
N PHE C 60 -12.13 -19.52 0.36
CA PHE C 60 -11.01 -18.77 0.93
C PHE C 60 -11.50 -17.89 2.07
N ILE C 61 -10.64 -17.72 3.07
CA ILE C 61 -10.84 -16.70 4.11
C ILE C 61 -9.50 -16.01 4.31
N VAL C 62 -9.47 -14.69 4.10
CA VAL C 62 -8.25 -13.90 4.25
C VAL C 62 -8.55 -12.74 5.19
N VAL C 63 -7.70 -12.56 6.19
CA VAL C 63 -7.75 -11.41 7.10
C VAL C 63 -6.44 -10.66 6.96
N VAL C 64 -6.53 -9.36 6.69
CA VAL C 64 -5.36 -8.53 6.46
C VAL C 64 -5.46 -7.30 7.36
N ALA C 65 -4.40 -7.06 8.13
CA ALA C 65 -4.33 -5.83 8.93
C ALA C 65 -4.01 -4.66 8.01
N LYS C 66 -4.80 -3.59 8.12
CA LYS C 66 -4.57 -2.42 7.27
C LYS C 66 -3.24 -1.75 7.55
N ASP C 67 -2.59 -2.11 8.65
CA ASP C 67 -1.30 -1.55 9.04
C ASP C 67 -0.12 -2.36 8.52
N VAL C 68 -0.35 -3.34 7.65
CA VAL C 68 0.75 -4.10 7.08
C VAL C 68 1.68 -3.21 6.28
N THR C 69 1.19 -2.06 5.81
CA THR C 69 1.98 -1.12 5.04
C THR C 69 1.91 0.26 5.69
N LEU C 70 2.92 1.08 5.40
CA LEU C 70 2.97 2.46 5.85
C LEU C 70 3.15 3.35 4.62
N PRO C 71 2.20 4.26 4.31
CA PRO C 71 0.91 4.49 4.99
C PRO C 71 -0.01 3.28 4.85
N HIS C 72 -1.02 3.17 5.71
CA HIS C 72 -1.90 2.03 5.67
C HIS C 72 -2.45 1.84 4.27
N ILE C 73 -2.78 0.59 3.94
CA ILE C 73 -3.26 0.22 2.62
C ILE C 73 -4.77 0.42 2.56
N ASP C 74 -5.25 0.96 1.45
CA ASP C 74 -6.67 1.16 1.24
C ASP C 74 -7.30 -0.11 0.69
N LEU C 75 -8.63 -0.22 0.82
CA LEU C 75 -9.33 -1.43 0.41
C LEU C 75 -9.73 -1.43 -1.06
N GLU C 76 -9.70 -0.28 -1.71
CA GLU C 76 -10.01 -0.25 -3.14
C GLU C 76 -8.77 -0.57 -3.97
N THR C 77 -7.61 -0.11 -3.51
CA THR C 77 -6.38 -0.32 -4.29
C THR C 77 -6.07 -1.80 -4.47
N ILE C 78 -6.49 -2.65 -3.53
CA ILE C 78 -6.17 -4.07 -3.58
C ILE C 78 -7.11 -4.77 -4.55
N SER C 79 -6.55 -5.60 -5.42
CA SER C 79 -7.33 -6.39 -6.37
C SER C 79 -6.76 -7.80 -6.40
N LEU C 80 -7.65 -8.77 -6.62
CA LEU C 80 -7.25 -10.16 -6.66
C LEU C 80 -6.84 -10.55 -8.09
N LEU C 81 -6.46 -11.81 -8.25
CA LEU C 81 -6.00 -12.29 -9.55
C LEU C 81 -7.10 -12.29 -10.60
N GLY C 82 -8.35 -12.23 -10.19
CA GLY C 82 -9.46 -12.09 -11.11
C GLY C 82 -10.52 -11.17 -10.53
N GLN C 83 -11.28 -10.54 -11.42
CA GLN C 83 -12.31 -9.60 -11.03
C GLN C 83 -13.61 -10.33 -10.73
N GLY C 84 -14.48 -9.66 -9.99
CA GLY C 84 -15.79 -10.21 -9.67
C GLY C 84 -16.42 -9.50 -8.50
N GLN C 85 -17.73 -9.75 -8.35
CA GLN C 85 -18.48 -9.13 -7.27
C GLN C 85 -18.04 -9.67 -5.91
N ASP C 86 -17.62 -10.93 -5.84
CA ASP C 86 -17.22 -11.56 -4.59
C ASP C 86 -15.77 -11.28 -4.21
N CYS C 87 -15.02 -10.61 -5.08
CA CYS C 87 -13.59 -10.41 -4.88
C CYS C 87 -13.25 -9.18 -4.06
N GLY C 88 -14.26 -8.41 -3.65
CA GLY C 88 -14.04 -7.27 -2.79
C GLY C 88 -14.10 -7.66 -1.34
N PRO C 89 -13.64 -6.76 -0.46
CA PRO C 89 -13.67 -7.06 0.99
C PRO C 89 -15.09 -7.41 1.43
N ALA C 90 -15.23 -8.58 2.05
CA ALA C 90 -16.53 -9.02 2.53
C ALA C 90 -16.94 -8.23 3.77
N ASP C 91 -16.00 -7.96 4.66
CA ASP C 91 -16.26 -7.21 5.89
C ASP C 91 -15.02 -6.40 6.23
N SER C 92 -15.20 -5.40 7.09
CA SER C 92 -14.08 -4.55 7.48
C SER C 92 -14.42 -3.77 8.73
N ASN C 93 -13.42 -3.59 9.58
CA ASN C 93 -13.47 -2.68 10.73
C ASN C 93 -12.35 -1.65 10.56
N SER C 94 -12.12 -0.84 11.60
CA SER C 94 -11.16 0.24 11.48
C SER C 94 -9.73 -0.26 11.25
N ALA C 95 -9.43 -1.52 11.57
CA ALA C 95 -8.08 -2.03 11.52
C ALA C 95 -7.87 -3.23 10.61
N PHE C 96 -8.91 -4.02 10.33
CA PHE C 96 -8.78 -5.24 9.55
C PHE C 96 -9.76 -5.25 8.40
N ALA C 97 -9.40 -5.95 7.33
CA ALA C 97 -10.29 -6.23 6.20
C ALA C 97 -10.42 -7.74 6.04
N ILE C 98 -11.62 -8.19 5.69
CA ILE C 98 -11.96 -9.61 5.63
C ILE C 98 -12.44 -9.94 4.22
N TYR C 99 -11.84 -10.97 3.63
CA TYR C 99 -12.19 -11.43 2.29
C TYR C 99 -12.69 -12.87 2.36
N TYR C 100 -13.79 -13.14 1.65
CA TYR C 100 -14.46 -14.44 1.75
C TYR C 100 -15.08 -14.74 0.40
N PHE C 101 -14.47 -15.68 -0.34
CA PHE C 101 -14.96 -16.03 -1.66
C PHE C 101 -14.65 -17.49 -1.94
N PRO C 102 -15.44 -18.15 -2.81
CA PRO C 102 -15.14 -19.53 -3.18
C PRO C 102 -13.78 -19.69 -3.83
N VAL C 103 -13.18 -20.88 -3.65
CA VAL C 103 -11.93 -21.21 -4.31
C VAL C 103 -12.09 -21.33 -5.81
N THR C 104 -13.33 -21.40 -6.30
CA THR C 104 -13.60 -21.39 -7.73
C THR C 104 -13.57 -20.00 -8.33
N TYR C 105 -13.82 -18.96 -7.53
CA TYR C 105 -14.05 -17.62 -8.05
C TYR C 105 -12.76 -16.80 -8.09
N CYS C 106 -12.89 -15.57 -8.62
CA CYS C 106 -11.86 -14.54 -8.53
C CYS C 106 -10.52 -14.98 -9.11
N GLY C 107 -10.57 -15.63 -10.27
CA GLY C 107 -9.36 -15.95 -11.00
C GLY C 107 -8.41 -16.87 -10.28
N THR C 108 -8.90 -17.66 -9.33
CA THR C 108 -8.04 -18.58 -8.61
C THR C 108 -7.45 -19.61 -9.56
N VAL C 109 -6.15 -19.85 -9.45
CA VAL C 109 -5.46 -20.86 -10.24
C VAL C 109 -5.49 -22.17 -9.47
N VAL C 110 -5.83 -23.25 -10.17
CA VAL C 110 -5.87 -24.59 -9.60
C VAL C 110 -4.69 -25.37 -10.14
N MET C 111 -3.91 -25.97 -9.23
CA MET C 111 -2.80 -26.83 -9.59
C MET C 111 -3.04 -28.22 -9.02
N GLU C 112 -2.43 -29.21 -9.66
CA GLU C 112 -2.55 -30.60 -9.26
C GLU C 112 -1.21 -31.08 -8.73
N GLU C 113 -1.24 -31.76 -7.59
CA GLU C 113 -0.07 -32.41 -7.02
C GLU C 113 -0.51 -33.75 -6.47
N PRO C 114 0.42 -34.69 -6.26
CA PRO C 114 0.01 -36.05 -5.86
C PRO C 114 -0.60 -36.08 -4.48
N GLY C 115 -1.91 -36.30 -4.42
CA GLY C 115 -2.61 -36.39 -3.15
C GLY C 115 -3.07 -35.07 -2.57
N VAL C 116 -3.05 -33.98 -3.34
CA VAL C 116 -3.47 -32.68 -2.83
C VAL C 116 -3.86 -31.79 -4.00
N ILE C 117 -4.99 -31.09 -3.87
CA ILE C 117 -5.45 -30.13 -4.85
C ILE C 117 -5.09 -28.74 -4.33
N VAL C 118 -4.31 -27.99 -5.11
CA VAL C 118 -3.74 -26.72 -4.68
C VAL C 118 -4.45 -25.59 -5.41
N TYR C 119 -5.02 -24.66 -4.63
CA TYR C 119 -5.58 -23.42 -5.17
C TYR C 119 -4.64 -22.27 -4.86
N GLU C 120 -4.56 -21.31 -5.78
CA GLU C 120 -3.66 -20.17 -5.61
C GLU C 120 -4.34 -18.89 -6.08
N ASN C 121 -4.13 -17.82 -5.34
CA ASN C 121 -4.63 -16.50 -5.72
C ASN C 121 -3.68 -15.46 -5.12
N ARG C 122 -3.82 -14.22 -5.60
CA ARG C 122 -2.80 -13.20 -5.39
C ARG C 122 -3.46 -11.84 -5.21
N MET C 123 -3.14 -11.17 -4.10
CA MET C 123 -3.58 -9.81 -3.84
C MET C 123 -2.50 -8.83 -4.30
N THR C 124 -2.89 -7.85 -5.11
CA THR C 124 -1.98 -6.78 -5.52
C THR C 124 -2.69 -5.46 -5.37
N SER C 125 -1.95 -4.46 -4.89
CA SER C 125 -2.45 -3.10 -4.72
C SER C 125 -1.79 -2.20 -5.76
N SER C 126 -2.60 -1.35 -6.40
CA SER C 126 -2.14 -0.46 -7.45
C SER C 126 -2.08 0.97 -6.92
N TYR C 127 -0.94 1.62 -7.14
CA TYR C 127 -0.80 3.02 -6.76
C TYR C 127 -1.88 3.85 -7.45
N GLU C 128 -2.49 4.76 -6.70
CA GLU C 128 -3.30 5.82 -7.30
C GLU C 128 -2.35 6.98 -7.58
N VAL C 129 -2.26 7.38 -8.84
CA VAL C 129 -1.27 8.34 -9.31
C VAL C 129 -1.98 9.65 -9.60
N GLY C 130 -1.46 10.73 -9.02
CA GLY C 130 -1.84 12.07 -9.43
C GLY C 130 -0.95 12.49 -10.58
N VAL C 131 -1.57 12.90 -11.67
CA VAL C 131 -0.87 13.26 -12.90
C VAL C 131 -1.04 14.74 -13.16
N GLY C 132 0.06 15.44 -13.38
CA GLY C 132 0.04 16.82 -13.75
C GLY C 132 0.68 17.02 -15.11
N PRO C 133 0.72 18.27 -15.58
CA PRO C 133 1.33 18.52 -16.90
C PRO C 133 2.78 18.10 -16.98
N LEU C 134 3.53 18.25 -15.88
CA LEU C 134 4.97 18.01 -15.89
C LEU C 134 5.42 16.94 -14.90
N GLY C 135 4.48 16.26 -14.24
CA GLY C 135 4.89 15.24 -13.29
C GLY C 135 3.78 14.25 -12.98
N ALA C 136 4.19 13.18 -12.31
CA ALA C 136 3.28 12.15 -11.82
C ALA C 136 3.76 11.71 -10.44
N ILE C 137 2.84 11.63 -9.48
CA ILE C 137 3.19 11.35 -8.09
C ILE C 137 2.22 10.33 -7.52
N THR C 138 2.63 9.71 -6.40
CA THR C 138 1.76 8.86 -5.61
C THR C 138 2.08 9.05 -4.14
N ARG C 139 1.07 8.86 -3.29
CA ARG C 139 1.23 8.91 -1.85
C ARG C 139 0.85 7.58 -1.20
N ASP C 140 0.76 6.52 -1.98
CA ASP C 140 0.37 5.20 -1.50
C ASP C 140 1.58 4.29 -1.39
N SER C 141 1.43 3.22 -0.62
CA SER C 141 2.40 2.16 -0.55
C SER C 141 1.96 1.01 -1.47
N SER C 142 2.66 -0.11 -1.39
CA SER C 142 2.31 -1.31 -2.14
C SER C 142 2.06 -2.46 -1.19
N PHE C 143 1.13 -3.34 -1.58
CA PHE C 143 0.75 -4.50 -0.79
C PHE C 143 0.58 -5.69 -1.72
N GLU C 144 1.40 -6.73 -1.54
CA GLU C 144 1.29 -7.94 -2.34
C GLU C 144 1.24 -9.14 -1.41
N LEU C 145 0.20 -9.97 -1.56
CA LEU C 145 0.04 -11.18 -0.78
C LEU C 145 -0.26 -12.35 -1.72
N LEU C 146 0.52 -13.41 -1.62
CA LEU C 146 0.33 -14.64 -2.37
C LEU C 146 -0.10 -15.73 -1.40
N PHE C 147 -1.31 -16.25 -1.57
CA PHE C 147 -1.87 -17.22 -0.64
C PHE C 147 -2.41 -18.42 -1.40
N GLN C 148 -2.38 -19.58 -0.73
CA GLN C 148 -2.71 -20.86 -1.32
C GLN C 148 -3.59 -21.67 -0.38
N CYS C 149 -4.39 -22.57 -0.97
CA CYS C 149 -5.10 -23.60 -0.25
C CYS C 149 -4.64 -24.95 -0.78
N ARG C 150 -4.12 -25.79 0.11
CA ARG C 150 -3.65 -27.13 -0.24
C ARG C 150 -4.61 -28.13 0.40
N TYR C 151 -5.62 -28.54 -0.36
CA TYR C 151 -6.63 -29.49 0.10
C TYR C 151 -6.11 -30.91 -0.12
N ARG C 152 -5.87 -31.63 0.97
CA ARG C 152 -5.38 -33.00 0.90
C ARG C 152 -6.51 -33.94 0.51
N ALA C 153 -6.25 -34.81 -0.47
CA ALA C 153 -7.31 -35.43 -1.24
C ALA C 153 -7.25 -36.96 -1.22
N THR C 154 -7.08 -37.54 -0.04
CA THR C 154 -7.10 -38.99 0.09
C THR C 154 -7.54 -39.34 1.51
N SER C 155 -8.26 -40.45 1.63
CA SER C 155 -8.79 -40.87 2.92
C SER C 155 -8.97 -42.38 2.93
N VAL C 156 -9.13 -42.91 4.14
CA VAL C 156 -9.45 -44.32 4.37
C VAL C 156 -10.89 -44.37 4.86
N GLU C 157 -11.78 -44.89 4.03
CA GLU C 157 -13.18 -45.06 4.38
C GLU C 157 -13.50 -46.54 4.52
N THR C 158 -14.53 -46.83 5.31
CA THR C 158 -14.81 -48.21 5.66
C THR C 158 -16.30 -48.42 5.81
N LEU C 159 -16.69 -49.69 5.78
CA LEU C 159 -18.07 -50.10 6.03
C LEU C 159 -18.05 -51.55 6.47
N VAL C 160 -19.23 -52.07 6.82
CA VAL C 160 -19.37 -53.44 7.29
C VAL C 160 -20.54 -54.09 6.56
N VAL C 161 -20.43 -55.41 6.37
CA VAL C 161 -21.52 -56.21 5.85
C VAL C 161 -21.63 -57.48 6.67
N GLU C 162 -22.78 -58.12 6.59
CA GLU C 162 -22.99 -59.46 7.16
C GLU C 162 -23.59 -60.33 6.06
N VAL C 163 -22.94 -61.44 5.76
CA VAL C 163 -23.36 -62.36 4.72
C VAL C 163 -23.75 -63.68 5.36
N GLN C 164 -24.98 -64.13 5.10
CA GLN C 164 -25.49 -65.38 5.61
C GLN C 164 -25.95 -66.27 4.45
N PRO C 165 -25.71 -67.57 4.51
CA PRO C 165 -26.23 -68.44 3.46
C PRO C 165 -27.74 -68.44 3.47
N PRO C 166 -28.38 -68.60 2.31
CA PRO C 166 -29.84 -68.48 2.25
C PRO C 166 -30.51 -69.49 3.17
N ASP C 167 -31.52 -69.03 3.89
CA ASP C 167 -32.21 -69.84 4.88
C ASP C 167 -33.53 -69.20 5.29
#